data_4O1I
#
_entry.id   4O1I
#
_cell.length_a   144.241
_cell.length_b   144.241
_cell.length_c   92.150
_cell.angle_alpha   90.000
_cell.angle_beta   90.000
_cell.angle_gamma   90.000
#
_symmetry.space_group_name_H-M   'I 41'
#
loop_
_entity.id
_entity.type
_entity.pdbx_description
1 polymer 'Transcriptional regulatory protein'
2 water water
#
_entity_poly.entity_id   1
_entity_poly.type   'polypeptide(L)'
_entity_poly.pdbx_seq_one_letter_code
;MGSSHHHHHHSSGLVPRGSHMLELLLLTSELYPDPVLPALSLLPHTVRTAPAEASSLLEAGNADAVLVDARNDLSSGRGL
CRLLSSTGRSIPVLAVVSEGGLVAVSADWGLDEILLLSTGPAEIDARLRLVVGRRGDL
;
_entity_poly.pdbx_strand_id   A,B,C,D,E
#
# COMPACT_ATOMS: atom_id res chain seq x y z
N MET A 21 -18.59 -3.05 33.00
CA MET A 21 -19.12 -2.48 31.75
C MET A 21 -19.97 -3.49 30.95
N LEU A 22 -19.43 -4.67 30.66
CA LEU A 22 -20.18 -5.70 29.93
C LEU A 22 -20.94 -6.62 30.89
N GLU A 23 -22.11 -7.10 30.46
CA GLU A 23 -22.78 -8.19 31.17
C GLU A 23 -22.56 -9.46 30.36
N LEU A 24 -22.03 -10.48 31.01
CA LEU A 24 -21.68 -11.72 30.34
C LEU A 24 -22.45 -12.90 30.89
N LEU A 25 -22.91 -13.76 29.98
CA LEU A 25 -23.53 -15.02 30.37
C LEU A 25 -22.57 -16.16 30.14
N LEU A 26 -22.27 -16.90 31.20
CA LEU A 26 -21.41 -18.05 31.09
C LEU A 26 -22.20 -19.34 31.24
N LEU A 27 -22.23 -20.13 30.17
CA LEU A 27 -22.90 -21.42 30.21
C LEU A 27 -21.92 -22.49 30.63
N THR A 28 -22.13 -23.03 31.82
CA THR A 28 -21.18 -23.96 32.40
C THR A 28 -21.84 -24.87 33.43
N SER A 29 -21.24 -26.04 33.65
CA SER A 29 -21.74 -26.95 34.65
C SER A 29 -20.99 -26.75 35.96
N GLU A 30 -20.05 -25.81 35.94
CA GLU A 30 -19.26 -25.46 37.12
C GLU A 30 -20.11 -24.57 38.03
N LEU A 31 -19.83 -24.59 39.32
CA LEU A 31 -20.56 -23.78 40.28
C LEU A 31 -20.18 -22.30 40.20
N TYR A 32 -18.93 -22.04 39.81
CA TYR A 32 -18.41 -20.68 39.72
C TYR A 32 -17.67 -20.45 38.40
N PRO A 33 -17.54 -19.18 37.97
CA PRO A 33 -16.93 -18.88 36.67
C PRO A 33 -15.41 -19.03 36.67
N ASP A 34 -14.81 -19.02 37.85
CA ASP A 34 -13.36 -18.96 37.99
C ASP A 34 -12.60 -20.17 37.44
N PRO A 35 -13.10 -21.41 37.67
CA PRO A 35 -12.43 -22.54 37.02
C PRO A 35 -12.45 -22.50 35.49
N VAL A 36 -13.42 -21.81 34.91
CA VAL A 36 -13.58 -21.75 33.45
C VAL A 36 -12.62 -20.73 32.82
N LEU A 37 -12.65 -19.50 33.33
CA LEU A 37 -11.78 -18.42 32.87
C LEU A 37 -11.25 -17.66 34.08
N PRO A 38 -10.17 -18.15 34.68
CA PRO A 38 -9.65 -17.57 35.93
C PRO A 38 -9.34 -16.07 35.87
N ALA A 39 -8.92 -15.56 34.72
CA ALA A 39 -8.54 -14.15 34.62
C ALA A 39 -9.73 -13.20 34.52
N LEU A 40 -10.92 -13.72 34.20
CA LEU A 40 -12.08 -12.86 33.95
C LEU A 40 -12.47 -12.05 35.17
N SER A 41 -12.28 -12.64 36.36
CA SER A 41 -12.66 -11.97 37.59
C SER A 41 -11.87 -10.69 37.78
N LEU A 42 -10.65 -10.64 37.26
CA LEU A 42 -9.80 -9.46 37.39
C LEU A 42 -10.32 -8.23 36.63
N LEU A 43 -11.29 -8.45 35.75
CA LEU A 43 -11.89 -7.40 34.91
C LEU A 43 -13.22 -6.92 35.52
N PRO A 44 -13.68 -5.72 35.15
CA PRO A 44 -14.89 -5.18 35.81
C PRO A 44 -16.22 -5.78 35.34
N HIS A 45 -16.19 -6.58 34.28
CA HIS A 45 -17.43 -7.13 33.72
C HIS A 45 -18.18 -8.01 34.70
N THR A 46 -19.50 -7.99 34.61
CA THR A 46 -20.31 -8.83 35.47
C THR A 46 -20.69 -10.11 34.73
N VAL A 47 -20.59 -11.23 35.44
CA VAL A 47 -20.79 -12.56 34.86
C VAL A 47 -21.91 -13.31 35.57
N ARG A 48 -22.92 -13.69 34.80
CA ARG A 48 -23.99 -14.57 35.26
C ARG A 48 -23.67 -15.97 34.79
N THR A 49 -23.93 -16.97 35.63
CA THR A 49 -23.74 -18.36 35.21
C THR A 49 -25.07 -19.05 34.97
N ALA A 50 -25.06 -20.00 34.05
CA ALA A 50 -26.23 -20.83 33.78
C ALA A 50 -25.73 -22.20 33.34
N PRO A 51 -26.58 -23.24 33.49
CA PRO A 51 -26.16 -24.60 33.15
C PRO A 51 -25.81 -24.73 31.67
N ALA A 52 -24.92 -25.66 31.34
CA ALA A 52 -24.53 -25.83 29.94
C ALA A 52 -25.59 -26.65 29.22
N GLU A 53 -26.80 -26.10 29.17
CA GLU A 53 -27.94 -26.76 28.54
C GLU A 53 -28.70 -25.83 27.60
N ALA A 54 -29.48 -26.42 26.71
CA ALA A 54 -30.24 -25.66 25.71
C ALA A 54 -31.20 -24.66 26.35
N SER A 55 -31.72 -25.00 27.53
CA SER A 55 -32.69 -24.14 28.20
C SER A 55 -32.06 -22.83 28.68
N SER A 56 -30.74 -22.81 28.79
CA SER A 56 -30.05 -21.61 29.22
C SER A 56 -30.17 -20.48 28.19
N LEU A 57 -30.44 -20.83 26.92
CA LEU A 57 -30.71 -19.85 25.87
C LEU A 57 -31.82 -18.88 26.27
N LEU A 58 -32.76 -19.35 27.04
CA LEU A 58 -33.84 -18.53 27.46
C LEU A 58 -33.37 -17.50 28.46
N GLU A 59 -32.17 -17.67 28.94
CA GLU A 59 -31.65 -16.79 29.95
C GLU A 59 -30.69 -15.78 29.44
N ALA A 60 -30.48 -15.71 28.14
CA ALA A 60 -29.49 -14.82 27.62
C ALA A 60 -29.86 -13.41 27.96
N GLY A 61 -31.11 -13.06 27.80
CA GLY A 61 -31.54 -11.75 28.20
C GLY A 61 -30.81 -10.64 27.51
N ASN A 62 -30.28 -9.72 28.31
CA ASN A 62 -29.58 -8.56 27.81
C ASN A 62 -28.09 -8.60 27.87
N ALA A 63 -27.55 -9.79 27.93
CA ALA A 63 -26.10 -9.95 27.95
C ALA A 63 -25.48 -9.36 26.70
N ASP A 64 -24.22 -8.94 26.81
CA ASP A 64 -23.49 -8.39 25.68
C ASP A 64 -22.77 -9.49 24.91
N ALA A 65 -22.49 -10.59 25.59
CA ALA A 65 -21.89 -11.77 24.99
C ALA A 65 -22.23 -13.01 25.82
N VAL A 66 -22.18 -14.18 25.18
CA VAL A 66 -22.38 -15.45 25.85
C VAL A 66 -21.13 -16.32 25.72
N LEU A 67 -20.62 -16.80 26.85
CA LEU A 67 -19.46 -17.69 26.82
C LEU A 67 -19.91 -19.09 27.12
N VAL A 68 -19.51 -20.02 26.26
CA VAL A 68 -19.84 -21.43 26.41
C VAL A 68 -18.62 -22.17 26.90
N ASP A 69 -18.78 -22.87 28.02
CA ASP A 69 -17.71 -23.64 28.60
C ASP A 69 -17.53 -24.96 27.85
N ALA A 70 -16.50 -25.02 27.00
CA ALA A 70 -16.24 -26.21 26.21
C ALA A 70 -14.86 -26.80 26.53
N ARG A 71 -14.48 -26.72 27.80
CA ARG A 71 -13.21 -27.26 28.26
C ARG A 71 -13.16 -28.77 28.23
N ASN A 72 -14.30 -29.40 28.52
CA ASN A 72 -14.32 -30.84 28.73
C ASN A 72 -15.27 -31.58 27.81
N ASP A 73 -16.44 -30.99 27.54
CA ASP A 73 -17.37 -31.60 26.59
C ASP A 73 -17.47 -30.74 25.34
N LEU A 74 -16.66 -31.09 24.35
CA LEU A 74 -16.57 -30.34 23.12
C LEU A 74 -17.82 -30.50 22.27
N SER A 75 -18.38 -31.71 22.27
CA SER A 75 -19.55 -31.99 21.44
C SER A 75 -20.75 -31.15 21.86
N SER A 76 -21.08 -31.18 23.14
CA SER A 76 -22.25 -30.43 23.62
C SER A 76 -21.92 -28.96 23.59
N GLY A 77 -20.64 -28.65 23.77
CA GLY A 77 -20.16 -27.29 23.66
C GLY A 77 -20.49 -26.75 22.29
N ARG A 78 -20.10 -27.46 21.23
CA ARG A 78 -20.41 -26.94 19.90
C ARG A 78 -21.90 -26.96 19.57
N GLY A 79 -22.60 -27.98 20.06
CA GLY A 79 -24.05 -28.00 19.95
C GLY A 79 -24.66 -26.76 20.59
N LEU A 80 -24.16 -26.38 21.76
CA LEU A 80 -24.63 -25.17 22.42
C LEU A 80 -24.35 -23.92 21.58
N CYS A 81 -23.14 -23.81 21.03
CA CYS A 81 -22.78 -22.64 20.23
C CYS A 81 -23.64 -22.51 18.99
N ARG A 82 -23.95 -23.66 18.35
CA ARG A 82 -24.73 -23.64 17.13
C ARG A 82 -26.11 -23.06 17.39
N LEU A 83 -26.68 -23.43 18.54
CA LEU A 83 -27.96 -22.92 18.97
C LEU A 83 -27.92 -21.43 19.26
N LEU A 84 -26.86 -20.98 19.92
CA LEU A 84 -26.71 -19.56 20.25
C LEU A 84 -26.55 -18.66 19.02
N SER A 85 -25.91 -19.17 17.97
CA SER A 85 -25.68 -18.37 16.76
C SER A 85 -26.73 -18.61 15.69
N SER A 86 -28.02 -19.22 16.15
CA SER A 86 -29.08 -19.59 15.23
C SER A 86 -29.99 -18.42 14.87
N THR A 87 -31.11 -18.72 14.24
CA THR A 87 -31.87 -17.71 13.52
C THR A 87 -32.21 -16.25 13.76
N GLY A 88 -32.78 -15.96 14.93
CA GLY A 88 -32.91 -14.60 15.41
C GLY A 88 -32.14 -14.34 16.68
N ARG A 89 -30.83 -14.59 16.64
CA ARG A 89 -29.97 -14.36 17.79
C ARG A 89 -28.77 -13.51 17.37
N SER A 90 -28.56 -12.41 18.08
CA SER A 90 -27.57 -11.40 17.68
C SER A 90 -26.36 -11.33 18.62
N ILE A 91 -26.58 -11.76 19.86
CA ILE A 91 -25.52 -11.75 20.87
C ILE A 91 -24.34 -12.62 20.45
N PRO A 92 -23.13 -12.04 20.47
CA PRO A 92 -21.85 -12.67 20.12
C PRO A 92 -21.59 -13.90 20.96
N VAL A 93 -21.16 -14.96 20.31
CA VAL A 93 -20.97 -16.23 20.99
C VAL A 93 -19.49 -16.52 21.07
N LEU A 94 -19.03 -16.77 22.30
CA LEU A 94 -17.63 -17.09 22.55
C LEU A 94 -17.57 -18.49 23.14
N ALA A 95 -16.58 -19.27 22.74
CA ALA A 95 -16.37 -20.56 23.38
C ALA A 95 -15.07 -20.53 24.16
N VAL A 96 -15.10 -21.09 25.36
CA VAL A 96 -13.92 -21.23 26.18
C VAL A 96 -13.47 -22.69 26.06
N VAL A 97 -12.25 -22.85 25.57
CA VAL A 97 -11.76 -24.16 25.19
C VAL A 97 -10.39 -24.42 25.83
N SER A 98 -10.02 -25.69 25.98
CA SER A 98 -8.67 -26.00 26.49
C SER A 98 -7.73 -26.04 25.30
N GLU A 99 -6.42 -26.09 25.57
CA GLU A 99 -5.48 -25.98 24.47
C GLU A 99 -5.58 -27.15 23.48
N GLY A 100 -6.01 -28.31 23.98
CA GLY A 100 -6.09 -29.51 23.15
C GLY A 100 -7.49 -29.78 22.61
N GLY A 101 -8.30 -28.73 22.53
CA GLY A 101 -9.62 -28.77 21.93
C GLY A 101 -9.73 -27.72 20.86
N LEU A 102 -8.78 -26.79 20.85
CA LEU A 102 -8.59 -25.86 19.73
C LEU A 102 -8.70 -26.52 18.35
N VAL A 103 -8.24 -27.76 18.24
CA VAL A 103 -8.28 -28.49 16.97
C VAL A 103 -9.71 -28.84 16.51
N ALA A 104 -10.63 -28.98 17.47
CA ALA A 104 -12.02 -29.33 17.16
C ALA A 104 -12.83 -28.10 16.74
N VAL A 105 -12.30 -26.92 17.05
CA VAL A 105 -13.00 -25.67 16.79
C VAL A 105 -12.94 -25.33 15.31
N SER A 106 -14.08 -25.06 14.71
CA SER A 106 -14.11 -24.69 13.30
C SER A 106 -15.34 -23.85 12.96
N ALA A 107 -15.50 -23.53 11.68
CA ALA A 107 -16.58 -22.63 11.24
C ALA A 107 -17.98 -23.11 11.59
N ASP A 108 -18.19 -24.42 11.62
CA ASP A 108 -19.53 -24.98 11.86
C ASP A 108 -20.01 -24.78 13.30
N TRP A 109 -19.15 -24.22 14.15
CA TRP A 109 -19.51 -23.90 15.52
C TRP A 109 -20.34 -22.64 15.59
N GLY A 110 -20.19 -21.76 14.60
CA GLY A 110 -20.91 -20.49 14.57
C GLY A 110 -20.39 -19.51 15.61
N LEU A 111 -19.09 -19.58 15.91
CA LEU A 111 -18.47 -18.74 16.92
C LEU A 111 -18.15 -17.35 16.41
N ASP A 112 -18.04 -16.42 17.34
CA ASP A 112 -17.56 -15.09 16.99
C ASP A 112 -16.15 -14.92 17.51
N GLU A 113 -15.82 -15.70 18.54
CA GLU A 113 -14.49 -15.74 19.14
C GLU A 113 -14.29 -17.01 19.96
N ILE A 114 -13.02 -17.38 20.15
CA ILE A 114 -12.65 -18.42 21.10
C ILE A 114 -11.69 -17.87 22.13
N LEU A 115 -11.75 -18.45 23.32
CA LEU A 115 -10.82 -18.11 24.37
C LEU A 115 -10.25 -19.39 24.94
N LEU A 116 -8.96 -19.36 25.24
CA LEU A 116 -8.32 -20.44 25.97
C LEU A 116 -8.57 -20.21 27.43
N LEU A 117 -8.65 -21.29 28.20
CA LEU A 117 -8.91 -21.17 29.63
C LEU A 117 -7.82 -20.37 30.34
N SER A 118 -6.63 -20.34 29.74
CA SER A 118 -5.47 -19.73 30.36
C SER A 118 -5.21 -18.32 29.85
N THR A 119 -6.12 -17.82 29.02
CA THR A 119 -5.98 -16.49 28.45
C THR A 119 -5.89 -15.43 29.55
N GLY A 120 -4.97 -14.48 29.39
CA GLY A 120 -4.79 -13.42 30.38
C GLY A 120 -5.81 -12.29 30.30
N PRO A 121 -5.83 -11.43 31.33
CA PRO A 121 -6.86 -10.40 31.39
C PRO A 121 -6.81 -9.42 30.22
N ALA A 122 -5.61 -8.97 29.85
CA ALA A 122 -5.47 -8.02 28.75
C ALA A 122 -6.02 -8.56 27.46
N GLU A 123 -5.80 -9.85 27.21
CA GLU A 123 -6.29 -10.46 25.97
C GLU A 123 -7.80 -10.71 26.02
N ILE A 124 -8.32 -11.11 27.18
CA ILE A 124 -9.75 -11.30 27.31
C ILE A 124 -10.48 -9.98 27.01
N ASP A 125 -10.02 -8.91 27.65
CA ASP A 125 -10.60 -7.59 27.46
C ASP A 125 -10.58 -7.15 25.98
N ALA A 126 -9.47 -7.39 25.30
CA ALA A 126 -9.31 -6.98 23.92
C ALA A 126 -10.23 -7.78 23.00
N ARG A 127 -10.33 -9.09 23.26
CA ARG A 127 -11.15 -9.92 22.41
C ARG A 127 -12.64 -9.66 22.67
N LEU A 128 -13.01 -9.31 23.90
CA LEU A 128 -14.40 -8.95 24.18
C LEU A 128 -14.77 -7.62 23.53
N ARG A 129 -13.87 -6.65 23.61
CA ARG A 129 -14.07 -5.37 22.93
C ARG A 129 -14.22 -5.55 21.43
N LEU A 130 -13.34 -6.35 20.83
CA LEU A 130 -13.34 -6.48 19.38
C LEU A 130 -14.57 -7.24 18.89
N VAL A 131 -15.11 -8.12 19.73
CA VAL A 131 -16.19 -9.00 19.32
C VAL A 131 -17.57 -8.36 19.45
N VAL A 132 -17.66 -7.32 20.28
CA VAL A 132 -18.93 -6.61 20.48
C VAL A 132 -19.25 -5.40 19.60
N GLY A 133 -18.30 -4.46 19.49
CA GLY A 133 -18.47 -3.32 18.61
C GLY A 133 -17.22 -3.00 17.81
N MET B 21 -0.02 -26.27 4.65
CA MET B 21 -1.19 -25.69 3.99
C MET B 21 -1.10 -24.19 3.65
N LEU B 22 -0.96 -23.31 4.64
CA LEU B 22 -1.07 -21.85 4.44
C LEU B 22 0.26 -21.17 4.08
N GLU B 23 0.18 -20.13 3.24
CA GLU B 23 1.29 -19.21 2.98
C GLU B 23 1.05 -17.93 3.76
N LEU B 24 2.05 -17.47 4.50
CA LEU B 24 1.88 -16.25 5.27
C LEU B 24 2.89 -15.19 4.86
N LEU B 25 2.39 -13.98 4.62
CA LEU B 25 3.26 -12.85 4.37
C LEU B 25 3.33 -12.13 5.69
N LEU B 26 4.54 -12.01 6.25
CA LEU B 26 4.73 -11.32 7.51
C LEU B 26 5.46 -10.02 7.25
N LEU B 27 4.78 -8.90 7.55
CA LEU B 27 5.36 -7.58 7.35
C LEU B 27 6.10 -7.09 8.60
N THR B 28 7.43 -7.00 8.47
CA THR B 28 8.28 -6.68 9.61
C THR B 28 9.65 -6.15 9.19
N SER B 29 10.31 -5.51 10.12
CA SER B 29 11.62 -5.01 9.88
C SER B 29 12.66 -6.01 10.29
N GLU B 30 12.23 -7.13 10.84
CA GLU B 30 13.11 -8.17 11.33
C GLU B 30 13.99 -9.01 10.44
N LEU B 31 13.56 -9.42 9.27
CA LEU B 31 14.44 -10.24 8.44
C LEU B 31 14.52 -11.69 8.83
N TYR B 32 13.76 -12.03 9.85
CA TYR B 32 13.49 -13.37 10.22
C TYR B 32 12.17 -13.30 10.91
N PRO B 33 11.34 -14.28 10.65
CA PRO B 33 10.03 -14.39 11.24
C PRO B 33 10.04 -14.78 12.70
N ASP B 34 11.12 -15.38 13.14
CA ASP B 34 11.16 -16.01 14.46
C ASP B 34 10.96 -15.09 15.67
N PRO B 35 11.61 -13.90 15.68
CA PRO B 35 11.31 -12.99 16.80
C PRO B 35 9.85 -12.53 16.88
N VAL B 36 9.15 -12.50 15.75
CA VAL B 36 7.82 -11.93 15.68
C VAL B 36 6.77 -12.89 16.25
N LEU B 37 6.75 -14.12 15.75
CA LEU B 37 5.88 -15.17 16.26
C LEU B 37 6.71 -16.43 16.40
N PRO B 38 7.37 -16.59 17.55
CA PRO B 38 8.35 -17.68 17.74
C PRO B 38 7.74 -19.06 17.50
N ALA B 39 6.46 -19.23 17.83
CA ALA B 39 5.81 -20.53 17.72
C ALA B 39 5.47 -20.90 16.29
N LEU B 40 5.49 -19.93 15.39
CA LEU B 40 5.03 -20.15 14.02
C LEU B 40 5.89 -21.18 13.29
N SER B 41 7.17 -21.24 13.64
CA SER B 41 8.09 -22.18 13.02
C SER B 41 7.66 -23.63 13.25
N LEU B 42 7.06 -23.88 14.41
CA LEU B 42 6.60 -25.20 14.78
C LEU B 42 5.42 -25.67 13.92
N LEU B 43 4.84 -24.74 13.17
CA LEU B 43 3.72 -25.08 12.30
C LEU B 43 4.19 -25.25 10.86
N PRO B 44 3.42 -26.02 10.06
CA PRO B 44 3.85 -26.34 8.70
C PRO B 44 3.64 -25.21 7.69
N HIS B 45 2.97 -24.14 8.10
CA HIS B 45 2.70 -23.02 7.21
C HIS B 45 4.00 -22.36 6.77
N THR B 46 4.02 -21.84 5.56
CA THR B 46 5.21 -21.17 5.03
C THR B 46 5.09 -19.67 5.21
N VAL B 47 6.19 -19.04 5.62
CA VAL B 47 6.19 -17.62 5.94
C VAL B 47 7.24 -16.85 5.15
N ARG B 48 6.81 -15.86 4.37
CA ARG B 48 7.74 -14.94 3.72
C ARG B 48 7.74 -13.60 4.45
N THR B 49 8.91 -13.00 4.65
CA THR B 49 8.97 -11.68 5.28
C THR B 49 9.21 -10.59 4.26
N ALA B 50 8.60 -9.43 4.53
CA ALA B 50 8.75 -8.25 3.71
C ALA B 50 8.76 -7.03 4.65
N PRO B 51 9.36 -5.92 4.20
CA PRO B 51 9.43 -4.72 5.05
C PRO B 51 8.04 -4.25 5.45
N ALA B 52 7.92 -3.55 6.57
CA ALA B 52 6.61 -3.07 7.04
C ALA B 52 6.17 -1.78 6.32
N GLU B 53 6.03 -1.88 5.00
CA GLU B 53 5.59 -0.77 4.15
C GLU B 53 4.34 -1.24 3.40
N ALA B 54 3.50 -0.30 2.98
CA ALA B 54 2.28 -0.65 2.22
C ALA B 54 2.59 -1.30 0.87
N SER B 55 3.73 -0.94 0.28
CA SER B 55 4.15 -1.47 -1.02
C SER B 55 4.49 -2.97 -0.98
N SER B 56 4.62 -3.52 0.21
CA SER B 56 4.95 -4.92 0.37
C SER B 56 3.83 -5.83 0.01
N LEU B 57 2.67 -5.22 -0.11
CA LEU B 57 1.48 -5.89 -0.49
C LEU B 57 1.64 -6.40 -1.89
N LEU B 58 2.46 -5.77 -2.69
CA LEU B 58 2.62 -6.24 -4.03
C LEU B 58 3.20 -7.62 -3.95
N GLU B 59 4.05 -7.80 -2.95
CA GLU B 59 4.75 -9.03 -2.72
C GLU B 59 3.88 -10.11 -2.18
N ALA B 60 2.69 -9.77 -1.77
CA ALA B 60 1.81 -10.76 -1.27
C ALA B 60 1.51 -11.47 -2.52
N GLY B 61 1.67 -12.77 -2.58
CA GLY B 61 1.38 -13.36 -3.85
C GLY B 61 0.15 -14.18 -3.77
N ASN B 62 0.37 -15.40 -3.37
CA ASN B 62 -0.67 -16.36 -3.19
C ASN B 62 -0.91 -16.50 -1.74
N ALA B 63 -0.29 -15.61 -0.98
CA ALA B 63 -0.48 -15.63 0.45
C ALA B 63 -1.94 -15.77 0.88
N ASP B 64 -2.15 -16.47 1.98
CA ASP B 64 -3.49 -16.69 2.50
C ASP B 64 -3.86 -15.63 3.52
N ALA B 65 -2.84 -15.04 4.13
CA ALA B 65 -3.02 -14.01 5.16
C ALA B 65 -1.78 -13.12 5.26
N VAL B 66 -1.97 -11.91 5.80
CA VAL B 66 -0.88 -10.99 6.05
C VAL B 66 -0.79 -10.75 7.56
N LEU B 67 0.40 -10.93 8.13
CA LEU B 67 0.60 -10.58 9.53
C LEU B 67 1.42 -9.30 9.63
N VAL B 68 0.92 -8.36 10.42
CA VAL B 68 1.62 -7.11 10.62
C VAL B 68 2.29 -7.10 11.98
N ASP B 69 3.61 -6.96 11.96
CA ASP B 69 4.39 -6.93 13.19
C ASP B 69 4.21 -5.59 13.88
N ALA B 70 3.43 -5.61 14.95
CA ALA B 70 3.13 -4.40 15.70
C ALA B 70 3.58 -4.54 17.15
N ARG B 71 4.66 -5.29 17.35
CA ARG B 71 5.22 -5.51 18.69
C ARG B 71 5.72 -4.21 19.33
N ASN B 72 6.32 -3.33 18.52
CA ASN B 72 7.02 -2.17 19.06
C ASN B 72 6.47 -0.82 18.62
N ASP B 73 6.19 -0.66 17.33
CA ASP B 73 5.62 0.60 16.87
C ASP B 73 4.16 0.47 16.50
N LEU B 74 3.31 0.78 17.46
CA LEU B 74 1.87 0.57 17.33
C LEU B 74 1.23 1.51 16.32
N SER B 75 1.69 2.76 16.31
CA SER B 75 1.14 3.78 15.42
C SER B 75 1.29 3.37 13.97
N SER B 76 2.51 2.99 13.57
CA SER B 76 2.75 2.55 12.19
C SER B 76 2.03 1.25 11.93
N GLY B 77 2.00 0.37 12.94
CA GLY B 77 1.33 -0.91 12.83
C GLY B 77 -0.14 -0.71 12.50
N ARG B 78 -0.79 0.13 13.30
CA ARG B 78 -2.20 0.42 13.11
C ARG B 78 -2.42 1.06 11.74
N GLY B 79 -1.52 1.97 11.36
CA GLY B 79 -1.56 2.60 10.04
C GLY B 79 -1.52 1.61 8.89
N LEU B 80 -0.62 0.64 8.99
CA LEU B 80 -0.52 -0.42 8.01
C LEU B 80 -1.78 -1.23 7.89
N CYS B 81 -2.32 -1.62 9.04
CA CYS B 81 -3.50 -2.48 9.05
C CYS B 81 -4.67 -1.79 8.41
N ARG B 82 -4.79 -0.50 8.66
CA ARG B 82 -5.86 0.29 8.07
C ARG B 82 -5.72 0.35 6.55
N LEU B 83 -4.52 0.59 6.10
CA LEU B 83 -4.28 0.61 4.69
C LEU B 83 -4.53 -0.72 4.09
N LEU B 84 -4.06 -1.77 4.74
CA LEU B 84 -4.22 -3.12 4.25
C LEU B 84 -5.62 -3.60 4.16
N SER B 85 -6.42 -3.25 5.13
CA SER B 85 -7.78 -3.74 5.23
C SER B 85 -8.80 -3.38 4.20
N SER B 86 -9.80 -4.21 4.14
CA SER B 86 -10.90 -3.98 3.25
C SER B 86 -10.46 -3.81 1.79
N THR B 87 -10.79 -2.69 1.17
CA THR B 87 -10.51 -2.59 -0.24
C THR B 87 -11.24 -3.86 -0.67
N GLY B 88 -10.65 -4.71 -1.49
CA GLY B 88 -11.35 -5.93 -1.82
C GLY B 88 -10.40 -7.08 -1.80
N ARG B 89 -10.87 -8.29 -1.48
CA ARG B 89 -12.26 -8.52 -1.06
C ARG B 89 -12.41 -9.06 0.36
N SER B 90 -11.34 -9.25 1.13
CA SER B 90 -9.96 -9.01 0.76
C SER B 90 -9.28 -10.04 1.60
N ILE B 91 -8.01 -10.27 1.34
CA ILE B 91 -7.22 -11.21 2.11
C ILE B 91 -7.09 -10.73 3.55
N PRO B 92 -7.16 -11.66 4.49
CA PRO B 92 -7.13 -11.45 5.94
C PRO B 92 -5.87 -10.75 6.46
N VAL B 93 -6.08 -9.77 7.33
CA VAL B 93 -5.01 -8.99 7.94
C VAL B 93 -4.95 -9.34 9.41
N LEU B 94 -3.77 -9.73 9.85
CA LEU B 94 -3.56 -10.08 11.24
C LEU B 94 -2.52 -9.11 11.81
N ALA B 95 -2.70 -8.73 13.08
CA ALA B 95 -1.67 -7.95 13.74
C ALA B 95 -1.08 -8.76 14.89
N VAL B 96 0.24 -8.75 14.97
CA VAL B 96 0.91 -9.42 16.08
C VAL B 96 1.32 -8.31 17.04
N VAL B 97 0.86 -8.38 18.29
CA VAL B 97 1.23 -7.36 19.27
C VAL B 97 1.81 -7.97 20.52
N SER B 98 2.39 -7.11 21.34
CA SER B 98 2.84 -7.50 22.67
C SER B 98 1.65 -7.27 23.60
N GLU B 99 1.70 -7.77 24.82
CA GLU B 99 0.60 -7.65 25.76
C GLU B 99 0.22 -6.23 26.16
N GLY B 100 1.19 -5.34 26.23
CA GLY B 100 0.90 -3.96 26.51
C GLY B 100 0.23 -3.26 25.36
N GLY B 101 0.26 -3.84 24.18
CA GLY B 101 -0.33 -3.22 23.03
C GLY B 101 -1.77 -3.52 22.77
N LEU B 102 -2.34 -4.36 23.58
CA LEU B 102 -3.71 -4.77 23.44
C LEU B 102 -4.71 -3.67 23.62
N VAL B 103 -4.46 -2.75 24.53
CA VAL B 103 -5.34 -1.60 24.76
C VAL B 103 -5.46 -0.66 23.55
N ALA B 104 -4.42 -0.62 22.73
CA ALA B 104 -4.41 0.24 21.55
C ALA B 104 -5.19 -0.39 20.40
N VAL B 105 -5.30 -1.72 20.41
CA VAL B 105 -6.01 -2.43 19.35
C VAL B 105 -7.51 -2.23 19.51
N SER B 106 -8.16 -1.79 18.44
CA SER B 106 -9.59 -1.58 18.42
C SER B 106 -10.11 -1.77 17.00
N ALA B 107 -11.42 -1.61 16.81
CA ALA B 107 -12.05 -1.84 15.51
C ALA B 107 -11.45 -0.99 14.39
N ASP B 108 -11.00 0.22 14.72
CA ASP B 108 -10.48 1.13 13.69
C ASP B 108 -9.17 0.67 13.06
N TRP B 109 -8.62 -0.44 13.54
CA TRP B 109 -7.45 -1.03 12.90
C TRP B 109 -7.84 -1.78 11.61
N GLY B 110 -9.09 -2.23 11.53
CA GLY B 110 -9.60 -2.98 10.40
C GLY B 110 -9.09 -4.41 10.35
N LEU B 111 -8.77 -4.94 11.52
CA LEU B 111 -8.19 -6.27 11.64
C LEU B 111 -9.19 -7.39 11.43
N ASP B 112 -8.69 -8.56 11.06
CA ASP B 112 -9.52 -9.74 10.97
C ASP B 112 -9.29 -10.63 12.19
N GLU B 113 -8.08 -10.50 12.75
CA GLU B 113 -7.66 -11.23 13.93
C GLU B 113 -6.43 -10.55 14.52
N ILE B 114 -6.25 -10.72 15.82
CA ILE B 114 -5.09 -10.21 16.54
C ILE B 114 -4.33 -11.41 17.13
N LEU B 115 -3.01 -11.32 17.23
CA LEU B 115 -2.22 -12.37 17.87
C LEU B 115 -1.21 -11.79 18.84
N LEU B 116 -1.05 -12.44 19.99
CA LEU B 116 0.01 -12.06 20.92
C LEU B 116 1.29 -12.74 20.50
N LEU B 117 2.42 -12.08 20.74
CA LEU B 117 3.70 -12.64 20.32
C LEU B 117 4.02 -13.95 21.07
N SER B 118 3.34 -14.17 22.18
CA SER B 118 3.58 -15.36 22.98
C SER B 118 2.55 -16.46 22.72
N THR B 119 1.69 -16.26 21.72
CA THR B 119 0.63 -17.24 21.43
C THR B 119 1.24 -18.59 21.02
N GLY B 120 0.72 -19.68 21.59
CA GLY B 120 1.24 -21.02 21.29
C GLY B 120 0.82 -21.52 19.93
N PRO B 121 1.43 -22.64 19.46
CA PRO B 121 1.20 -23.11 18.09
C PRO B 121 -0.25 -23.49 17.85
N ALA B 122 -0.83 -24.24 18.79
CA ALA B 122 -2.21 -24.69 18.64
C ALA B 122 -3.15 -23.50 18.49
N GLU B 123 -2.91 -22.44 19.26
CA GLU B 123 -3.75 -21.27 19.17
C GLU B 123 -3.48 -20.55 17.85
N ILE B 124 -2.21 -20.47 17.44
CA ILE B 124 -1.91 -19.84 16.16
C ILE B 124 -2.63 -20.57 15.02
N ASP B 125 -2.55 -21.90 15.01
CA ASP B 125 -3.22 -22.69 13.98
C ASP B 125 -4.73 -22.44 13.95
N ALA B 126 -5.35 -22.41 15.14
CA ALA B 126 -6.80 -22.29 15.24
C ALA B 126 -7.29 -20.95 14.71
N ARG B 127 -6.57 -19.88 15.05
CA ARG B 127 -7.01 -18.56 14.66
C ARG B 127 -6.77 -18.34 13.16
N LEU B 128 -5.72 -18.97 12.64
CA LEU B 128 -5.45 -18.88 11.21
C LEU B 128 -6.50 -19.65 10.43
N ARG B 129 -6.88 -20.84 10.91
CA ARG B 129 -7.94 -21.60 10.23
C ARG B 129 -9.23 -20.81 10.22
N LEU B 130 -9.58 -20.24 11.36
CA LEU B 130 -10.86 -19.57 11.48
C LEU B 130 -10.89 -18.26 10.68
N VAL B 131 -9.75 -17.60 10.54
CA VAL B 131 -9.75 -16.32 9.87
C VAL B 131 -9.69 -16.49 8.34
N VAL B 132 -9.19 -17.64 7.89
CA VAL B 132 -9.13 -17.93 6.46
C VAL B 132 -10.38 -18.69 5.99
N GLY B 133 -10.85 -19.62 6.81
CA GLY B 133 -12.04 -20.39 6.48
C GLY B 133 -13.05 -20.45 7.62
N MET C 21 6.37 25.03 -17.83
CA MET C 21 5.35 25.27 -18.88
C MET C 21 3.92 25.41 -18.35
N LEU C 22 3.48 24.47 -17.49
CA LEU C 22 2.14 24.57 -16.91
C LEU C 22 2.15 25.50 -15.70
N GLU C 23 1.07 26.27 -15.55
CA GLU C 23 0.85 27.05 -14.33
C GLU C 23 -0.23 26.36 -13.53
N LEU C 24 0.10 26.05 -12.29
CA LEU C 24 -0.78 25.27 -11.44
C LEU C 24 -1.24 26.09 -10.27
N LEU C 25 -2.49 25.88 -9.89
CA LEU C 25 -3.09 26.50 -8.73
C LEU C 25 -3.23 25.39 -7.69
N LEU C 26 -2.68 25.60 -6.50
CA LEU C 26 -2.74 24.57 -5.46
C LEU C 26 -3.50 25.11 -4.25
N LEU C 27 -4.66 24.53 -3.95
CA LEU C 27 -5.47 24.94 -2.81
C LEU C 27 -5.10 24.11 -1.60
N THR C 28 -4.54 24.72 -0.56
CA THR C 28 -3.95 23.87 0.48
C THR C 28 -4.21 24.35 1.90
N SER C 29 -3.87 25.60 2.20
CA SER C 29 -3.71 26.15 3.56
C SER C 29 -2.32 25.90 4.13
N GLU C 30 -1.45 25.31 3.33
CA GLU C 30 -0.04 25.13 3.68
C GLU C 30 0.70 26.38 3.24
N LEU C 31 1.80 26.71 3.90
CA LEU C 31 2.60 27.87 3.52
C LEU C 31 3.28 27.68 2.17
N TYR C 32 3.80 26.48 1.94
CA TYR C 32 4.51 26.17 0.71
C TYR C 32 3.94 24.91 0.06
N PRO C 33 4.13 24.78 -1.28
CA PRO C 33 3.56 23.63 -2.00
C PRO C 33 4.32 22.34 -1.71
N ASP C 34 5.54 22.48 -1.20
CA ASP C 34 6.43 21.33 -1.04
C ASP C 34 5.95 20.27 -0.04
N PRO C 35 5.35 20.67 1.09
CA PRO C 35 4.76 19.61 1.91
C PRO C 35 3.62 18.85 1.20
N VAL C 36 2.94 19.49 0.26
CA VAL C 36 1.78 18.88 -0.40
C VAL C 36 2.21 17.89 -1.49
N LEU C 37 3.02 18.37 -2.43
CA LEU C 37 3.56 17.52 -3.48
C LEU C 37 5.05 17.80 -3.61
N PRO C 38 5.87 17.14 -2.78
CA PRO C 38 7.31 17.42 -2.71
C PRO C 38 8.02 17.28 -4.06
N ALA C 39 7.57 16.34 -4.89
CA ALA C 39 8.24 16.07 -6.16
C ALA C 39 7.98 17.15 -7.22
N LEU C 40 6.98 17.99 -6.98
CA LEU C 40 6.56 18.98 -7.95
C LEU C 40 7.65 20.02 -8.21
N SER C 41 8.46 20.32 -7.19
CA SER C 41 9.52 21.31 -7.34
C SER C 41 10.58 20.92 -8.37
N LEU C 42 10.82 19.62 -8.51
CA LEU C 42 11.82 19.13 -9.47
C LEU C 42 11.38 19.35 -10.91
N LEU C 43 10.11 19.70 -11.08
CA LEU C 43 9.54 19.95 -12.41
C LEU C 43 9.51 21.45 -12.69
N PRO C 44 9.54 21.82 -13.98
CA PRO C 44 9.61 23.22 -14.39
C PRO C 44 8.29 23.98 -14.24
N HIS C 45 7.21 23.27 -13.93
CA HIS C 45 5.90 23.92 -13.77
C HIS C 45 5.89 24.85 -12.58
N THR C 46 5.16 25.95 -12.70
CA THR C 46 5.06 26.89 -11.59
C THR C 46 3.73 26.69 -10.85
N VAL C 47 3.81 26.74 -9.52
CA VAL C 47 2.63 26.51 -8.71
C VAL C 47 2.43 27.69 -7.76
N ARG C 48 1.27 28.34 -7.88
CA ARG C 48 0.88 29.35 -6.90
C ARG C 48 -0.16 28.76 -5.96
N THR C 49 -0.12 29.20 -4.71
CA THR C 49 -1.00 28.68 -3.68
C THR C 49 -2.11 29.67 -3.34
N ALA C 50 -3.23 29.12 -2.90
CA ALA C 50 -4.37 29.88 -2.42
C ALA C 50 -5.03 28.99 -1.37
N PRO C 51 -5.77 29.58 -0.42
CA PRO C 51 -6.43 28.81 0.65
C PRO C 51 -7.40 27.75 0.15
N ALA C 52 -7.56 26.70 0.96
CA ALA C 52 -8.50 25.62 0.66
C ALA C 52 -9.91 26.07 1.05
N GLU C 53 -10.37 27.11 0.38
CA GLU C 53 -11.68 27.69 0.62
C GLU C 53 -12.38 27.97 -0.71
N ALA C 54 -13.70 28.02 -0.68
CA ALA C 54 -14.48 28.20 -1.90
C ALA C 54 -14.14 29.51 -2.61
N SER C 55 -13.78 30.54 -1.85
CA SER C 55 -13.49 31.85 -2.42
C SER C 55 -12.27 31.81 -3.34
N SER C 56 -11.44 30.78 -3.21
CA SER C 56 -10.27 30.61 -4.08
C SER C 56 -10.67 30.22 -5.52
N LEU C 57 -11.92 29.77 -5.72
CA LEU C 57 -12.44 29.53 -7.06
C LEU C 57 -12.35 30.77 -7.92
N LEU C 58 -12.47 31.93 -7.27
CA LEU C 58 -12.40 33.21 -7.95
C LEU C 58 -10.99 33.49 -8.44
N GLU C 59 -10.02 32.68 -8.00
CA GLU C 59 -8.63 32.99 -8.31
C GLU C 59 -7.99 31.95 -9.22
N ALA C 60 -8.82 31.08 -9.81
CA ALA C 60 -8.37 30.19 -10.88
C ALA C 60 -7.70 31.00 -11.99
N GLY C 61 -8.48 31.80 -12.71
CA GLY C 61 -7.98 32.60 -13.82
C GLY C 61 -7.36 31.79 -14.94
N ASN C 62 -6.05 31.90 -15.11
CA ASN C 62 -5.39 31.17 -16.19
C ASN C 62 -4.49 30.02 -15.76
N ALA C 63 -4.85 29.34 -14.67
CA ALA C 63 -4.16 28.10 -14.30
C ALA C 63 -4.49 27.03 -15.33
N ASP C 64 -3.57 26.12 -15.55
CA ASP C 64 -3.77 25.03 -16.49
C ASP C 64 -4.47 23.88 -15.79
N ALA C 65 -4.36 23.85 -14.46
CA ALA C 65 -5.00 22.86 -13.63
C ALA C 65 -5.05 23.37 -12.19
N VAL C 66 -5.98 22.87 -11.39
CA VAL C 66 -6.06 23.20 -9.99
C VAL C 66 -5.87 21.92 -9.19
N LEU C 67 -5.00 21.95 -8.20
CA LEU C 67 -4.84 20.81 -7.31
C LEU C 67 -5.47 21.14 -5.96
N VAL C 68 -6.30 20.24 -5.47
CA VAL C 68 -6.87 20.40 -4.15
C VAL C 68 -6.15 19.48 -3.18
N ASP C 69 -5.55 20.09 -2.16
CA ASP C 69 -4.87 19.33 -1.12
C ASP C 69 -5.93 18.67 -0.23
N ALA C 70 -6.09 17.37 -0.42
CA ALA C 70 -7.07 16.60 0.35
C ALA C 70 -6.36 15.50 1.12
N ARG C 71 -5.16 15.82 1.62
CA ARG C 71 -4.37 14.91 2.41
C ARG C 71 -4.95 14.67 3.80
N ASN C 72 -5.64 15.68 4.35
CA ASN C 72 -6.07 15.59 5.74
C ASN C 72 -7.58 15.73 5.91
N ASP C 73 -8.17 16.68 5.20
CA ASP C 73 -9.62 16.84 5.27
C ASP C 73 -10.27 16.41 3.96
N LEU C 74 -10.76 15.17 3.96
CA LEU C 74 -11.32 14.56 2.76
C LEU C 74 -12.68 15.13 2.42
N SER C 75 -13.41 15.53 3.46
CA SER C 75 -14.73 16.12 3.29
C SER C 75 -14.63 17.45 2.55
N SER C 76 -13.75 18.32 3.01
CA SER C 76 -13.60 19.65 2.39
C SER C 76 -13.02 19.50 1.02
N GLY C 77 -12.10 18.55 0.86
CA GLY C 77 -11.45 18.30 -0.41
C GLY C 77 -12.48 17.96 -1.46
N ARG C 78 -13.34 17.00 -1.13
CA ARG C 78 -14.38 16.59 -2.07
C ARG C 78 -15.29 17.78 -2.38
N GLY C 79 -15.64 18.56 -1.36
CA GLY C 79 -16.47 19.74 -1.54
C GLY C 79 -15.89 20.77 -2.52
N LEU C 80 -14.61 21.09 -2.34
CA LEU C 80 -13.92 22.01 -3.24
C LEU C 80 -13.84 21.47 -4.66
N CYS C 81 -13.59 20.17 -4.79
CA CYS C 81 -13.50 19.54 -6.10
C CYS C 81 -14.85 19.59 -6.81
N ARG C 82 -15.92 19.38 -6.06
CA ARG C 82 -17.25 19.41 -6.63
C ARG C 82 -17.60 20.80 -7.18
N LEU C 83 -17.20 21.85 -6.45
CA LEU C 83 -17.42 23.21 -6.90
C LEU C 83 -16.56 23.53 -8.10
N LEU C 84 -15.31 23.09 -8.08
CA LEU C 84 -14.38 23.40 -9.14
C LEU C 84 -14.76 22.74 -10.47
N SER C 85 -15.46 21.62 -10.39
CA SER C 85 -15.90 20.92 -11.60
C SER C 85 -17.34 21.30 -12.01
N SER C 86 -17.93 22.27 -11.29
CA SER C 86 -19.29 22.72 -11.57
C SER C 86 -19.42 23.39 -12.94
N THR C 87 -20.66 23.73 -13.32
CA THR C 87 -20.97 24.31 -14.63
C THR C 87 -20.09 25.51 -15.04
N GLY C 88 -19.82 25.61 -16.34
CA GLY C 88 -19.03 26.72 -16.90
C GLY C 88 -17.56 26.71 -16.55
N ARG C 89 -17.08 25.57 -16.06
CA ARG C 89 -15.73 25.44 -15.53
C ARG C 89 -15.00 24.30 -16.22
N SER C 90 -14.11 24.64 -17.15
CA SER C 90 -13.48 23.60 -17.97
C SER C 90 -11.99 23.40 -17.69
N ILE C 91 -11.48 24.00 -16.61
CA ILE C 91 -10.09 23.75 -16.21
C ILE C 91 -10.00 22.54 -15.28
N PRO C 92 -9.05 21.63 -15.57
CA PRO C 92 -8.85 20.32 -14.92
C PRO C 92 -8.71 20.37 -13.41
N VAL C 93 -9.41 19.48 -12.71
CA VAL C 93 -9.39 19.42 -11.26
C VAL C 93 -8.64 18.17 -10.80
N LEU C 94 -7.61 18.37 -9.98
CA LEU C 94 -6.84 17.26 -9.43
C LEU C 94 -6.93 17.29 -7.90
N ALA C 95 -7.02 16.12 -7.28
CA ALA C 95 -6.95 16.10 -5.83
C ALA C 95 -5.67 15.39 -5.44
N VAL C 96 -4.99 15.95 -4.45
CA VAL C 96 -3.83 15.26 -3.88
C VAL C 96 -4.29 14.62 -2.58
N VAL C 97 -4.11 13.32 -2.45
CA VAL C 97 -4.50 12.61 -1.25
C VAL C 97 -3.42 11.69 -0.75
N SER C 98 -3.56 11.26 0.48
CA SER C 98 -2.68 10.26 1.03
C SER C 98 -3.28 8.88 0.79
N GLU C 99 -2.50 7.85 0.94
CA GLU C 99 -2.91 6.49 0.69
C GLU C 99 -4.09 6.10 1.54
N GLY C 100 -4.15 6.67 2.71
CA GLY C 100 -5.25 6.39 3.58
C GLY C 100 -6.56 6.83 2.98
N GLY C 101 -6.57 7.92 2.24
CA GLY C 101 -7.79 8.47 1.73
C GLY C 101 -8.30 8.09 0.38
N LEU C 102 -7.66 7.16 -0.27
CA LEU C 102 -8.06 6.72 -1.59
C LEU C 102 -9.41 6.09 -1.59
N VAL C 103 -9.75 5.51 -0.47
CA VAL C 103 -11.00 4.84 -0.29
C VAL C 103 -12.14 5.80 -0.43
N ALA C 104 -11.92 7.00 0.04
CA ALA C 104 -12.89 8.06 0.00
C ALA C 104 -13.16 8.60 -1.37
N VAL C 105 -12.25 8.41 -2.28
CA VAL C 105 -12.33 8.97 -3.63
C VAL C 105 -13.39 8.25 -4.44
N SER C 106 -14.27 9.02 -5.08
CA SER C 106 -15.32 8.45 -5.93
C SER C 106 -15.72 9.37 -7.08
N ALA C 107 -16.70 8.94 -7.84
CA ALA C 107 -17.12 9.67 -9.03
C ALA C 107 -17.81 10.98 -8.68
N ASP C 108 -18.41 11.04 -7.48
CA ASP C 108 -19.13 12.23 -7.05
C ASP C 108 -18.19 13.40 -6.73
N TRP C 109 -16.88 13.15 -6.76
CA TRP C 109 -15.90 14.22 -6.54
C TRP C 109 -15.79 15.13 -7.75
N GLY C 110 -15.98 14.58 -8.94
CA GLY C 110 -15.81 15.34 -10.17
C GLY C 110 -14.34 15.53 -10.51
N LEU C 111 -13.51 14.58 -10.09
CA LEU C 111 -12.08 14.67 -10.35
C LEU C 111 -11.77 14.35 -11.80
N ASP C 112 -10.70 14.95 -12.31
CA ASP C 112 -10.20 14.63 -13.65
C ASP C 112 -8.94 13.77 -13.54
N GLU C 113 -8.31 13.84 -12.37
CA GLU C 113 -7.15 13.02 -12.03
C GLU C 113 -6.97 13.02 -10.52
N ILE C 114 -6.30 12.00 -10.00
CA ILE C 114 -6.01 11.90 -8.59
C ILE C 114 -4.48 11.80 -8.46
N LEU C 115 -3.93 12.32 -7.37
CA LEU C 115 -2.49 12.22 -7.13
C LEU C 115 -2.21 11.87 -5.67
N LEU C 116 -1.24 10.99 -5.47
CA LEU C 116 -0.81 10.65 -4.12
C LEU C 116 0.38 11.54 -3.76
N LEU C 117 0.51 11.89 -2.49
CA LEU C 117 1.55 12.82 -2.10
C LEU C 117 2.95 12.25 -2.34
N SER C 118 3.04 10.93 -2.51
CA SER C 118 4.33 10.29 -2.71
C SER C 118 4.64 10.03 -4.20
N THR C 119 3.79 10.54 -5.09
CA THR C 119 3.99 10.37 -6.53
C THR C 119 5.30 10.99 -6.99
N GLY C 120 6.05 10.25 -7.80
CA GLY C 120 7.32 10.75 -8.33
C GLY C 120 7.10 11.77 -9.44
N PRO C 121 8.18 12.45 -9.85
CA PRO C 121 8.07 13.56 -10.80
C PRO C 121 7.57 13.12 -12.18
N ALA C 122 8.07 11.99 -12.66
CA ALA C 122 7.70 11.52 -13.99
C ALA C 122 6.22 11.22 -14.09
N GLU C 123 5.67 10.61 -13.04
CA GLU C 123 4.24 10.31 -13.02
C GLU C 123 3.44 11.58 -12.90
N ILE C 124 3.92 12.53 -12.10
CA ILE C 124 3.26 13.82 -12.01
C ILE C 124 3.23 14.47 -13.39
N ASP C 125 4.38 14.52 -14.04
CA ASP C 125 4.48 15.10 -15.37
C ASP C 125 3.53 14.42 -16.37
N ALA C 126 3.49 13.09 -16.34
CA ALA C 126 2.66 12.37 -17.30
C ALA C 126 1.17 12.60 -17.02
N ARG C 127 0.78 12.59 -15.76
CA ARG C 127 -0.64 12.75 -15.44
C ARG C 127 -1.11 14.17 -15.74
N LEU C 128 -0.21 15.14 -15.61
CA LEU C 128 -0.57 16.51 -15.93
C LEU C 128 -0.71 16.68 -17.45
N ARG C 129 0.24 16.13 -18.20
CA ARG C 129 0.21 16.24 -19.67
C ARG C 129 -1.05 15.59 -20.22
N LEU C 130 -1.44 14.45 -19.65
CA LEU C 130 -2.59 13.70 -20.12
C LEU C 130 -3.88 14.41 -19.80
N VAL C 131 -3.88 15.18 -18.70
CA VAL C 131 -5.11 15.74 -18.19
C VAL C 131 -5.49 17.07 -18.84
N VAL C 132 -4.49 17.79 -19.36
CA VAL C 132 -4.75 19.04 -20.08
C VAL C 132 -4.91 18.75 -21.57
N GLY C 133 -4.77 17.47 -21.92
CA GLY C 133 -4.92 17.02 -23.30
C GLY C 133 -5.98 15.94 -23.42
N MET D 21 -17.97 -5.57 -8.63
CA MET D 21 -16.92 -6.40 -9.27
C MET D 21 -16.82 -6.14 -10.77
N LEU D 22 -15.64 -5.75 -11.21
CA LEU D 22 -15.37 -5.47 -12.63
C LEU D 22 -14.88 -6.71 -13.35
N GLU D 23 -15.13 -6.77 -14.65
CA GLU D 23 -14.50 -7.75 -15.52
C GLU D 23 -13.40 -7.01 -16.29
N LEU D 24 -12.16 -7.46 -16.17
CA LEU D 24 -11.03 -6.78 -16.79
C LEU D 24 -10.35 -7.63 -17.84
N LEU D 25 -10.10 -7.05 -19.00
CA LEU D 25 -9.35 -7.73 -20.05
C LEU D 25 -7.93 -7.17 -20.01
N LEU D 26 -6.96 -8.04 -19.82
CA LEU D 26 -5.56 -7.64 -19.85
C LEU D 26 -4.90 -8.16 -21.12
N LEU D 27 -4.36 -7.24 -21.92
CA LEU D 27 -3.67 -7.62 -23.16
C LEU D 27 -2.19 -7.70 -22.85
N THR D 28 -1.65 -8.89 -22.88
CA THR D 28 -0.27 -9.13 -22.55
C THR D 28 0.23 -10.41 -23.09
N SER D 29 1.53 -10.56 -23.14
CA SER D 29 2.08 -11.79 -23.61
C SER D 29 2.55 -12.70 -22.49
N GLU D 30 2.34 -12.27 -21.27
CA GLU D 30 2.73 -12.96 -20.06
C GLU D 30 2.12 -14.31 -19.69
N LEU D 31 0.84 -14.48 -19.92
CA LEU D 31 0.17 -15.73 -19.56
C LEU D 31 -0.37 -15.76 -18.16
N TYR D 32 -0.15 -14.67 -17.43
CA TYR D 32 -0.75 -14.42 -16.14
C TYR D 32 -0.63 -12.94 -15.95
N PRO D 33 -1.49 -12.38 -15.13
CA PRO D 33 -1.45 -10.96 -14.93
C PRO D 33 -0.54 -10.56 -13.84
N ASP D 34 -0.07 -11.50 -13.07
CA ASP D 34 0.68 -11.11 -11.88
C ASP D 34 2.02 -10.39 -12.15
N PRO D 35 2.77 -10.79 -13.19
CA PRO D 35 3.95 -9.98 -13.51
C PRO D 35 3.60 -8.57 -14.00
N VAL D 36 2.43 -8.39 -14.58
CA VAL D 36 2.07 -7.09 -15.15
C VAL D 36 1.62 -6.12 -14.06
N LEU D 37 0.60 -6.51 -13.31
CA LEU D 37 0.09 -5.71 -12.19
C LEU D 37 -0.09 -6.63 -10.99
N PRO D 38 0.98 -6.80 -10.20
CA PRO D 38 0.98 -7.72 -9.06
C PRO D 38 -0.15 -7.48 -8.07
N ALA D 39 -0.58 -6.22 -7.94
CA ALA D 39 -1.58 -5.86 -6.94
C ALA D 39 -3.00 -6.23 -7.36
N LEU D 40 -3.17 -6.56 -8.64
CA LEU D 40 -4.50 -6.79 -9.18
C LEU D 40 -5.14 -8.04 -8.57
N SER D 41 -4.31 -9.03 -8.25
CA SER D 41 -4.82 -10.26 -7.64
C SER D 41 -5.46 -9.98 -6.29
N LEU D 42 -4.99 -8.96 -5.59
CA LEU D 42 -5.56 -8.61 -4.29
C LEU D 42 -6.96 -7.97 -4.38
N LEU D 43 -7.42 -7.69 -5.60
CA LEU D 43 -8.74 -7.10 -5.81
C LEU D 43 -9.74 -8.17 -6.27
N PRO D 44 -11.05 -7.95 -6.03
CA PRO D 44 -12.06 -8.96 -6.36
C PRO D 44 -12.44 -9.07 -7.84
N HIS D 45 -11.91 -8.19 -8.69
CA HIS D 45 -12.25 -8.19 -10.12
C HIS D 45 -11.71 -9.44 -10.79
N THR D 46 -12.40 -9.92 -11.83
CA THR D 46 -11.91 -11.07 -12.56
C THR D 46 -11.12 -10.57 -13.78
N VAL D 47 -9.99 -11.22 -14.04
CA VAL D 47 -9.08 -10.76 -15.08
C VAL D 47 -8.87 -11.84 -16.14
N ARG D 48 -9.24 -11.52 -17.37
CA ARG D 48 -8.97 -12.39 -18.51
C ARG D 48 -7.73 -11.88 -19.21
N THR D 49 -6.86 -12.80 -19.63
CA THR D 49 -5.72 -12.39 -20.44
C THR D 49 -5.90 -12.81 -21.90
N ALA D 50 -5.35 -12.00 -22.79
CA ALA D 50 -5.34 -12.29 -24.21
C ALA D 50 -4.02 -11.73 -24.74
N PRO D 51 -3.54 -12.24 -25.89
CA PRO D 51 -2.25 -11.78 -26.42
C PRO D 51 -2.24 -10.29 -26.72
N ALA D 52 -1.06 -9.68 -26.63
CA ALA D 52 -0.90 -8.29 -26.98
C ALA D 52 -0.85 -8.17 -28.51
N GLU D 53 -1.94 -8.56 -29.15
CA GLU D 53 -2.04 -8.51 -30.60
C GLU D 53 -3.34 -7.81 -30.95
N ALA D 54 -3.38 -7.23 -32.14
CA ALA D 54 -4.56 -6.49 -32.58
C ALA D 54 -5.84 -7.33 -32.62
N SER D 55 -5.72 -8.63 -32.89
CA SER D 55 -6.89 -9.49 -32.98
C SER D 55 -7.60 -9.66 -31.65
N SER D 56 -6.90 -9.37 -30.54
CA SER D 56 -7.51 -9.45 -29.22
C SER D 56 -8.60 -8.39 -29.01
N LEU D 57 -8.67 -7.40 -29.92
CA LEU D 57 -9.73 -6.40 -29.88
C LEU D 57 -11.10 -7.05 -30.00
N LEU D 58 -11.13 -8.16 -30.74
CA LEU D 58 -12.35 -8.92 -31.02
C LEU D 58 -12.92 -9.62 -29.80
N GLU D 59 -12.14 -9.70 -28.72
CA GLU D 59 -12.54 -10.46 -27.55
C GLU D 59 -12.78 -9.53 -26.38
N ALA D 60 -13.17 -8.29 -26.67
CA ALA D 60 -13.43 -7.30 -25.62
C ALA D 60 -14.74 -7.63 -24.91
N GLY D 61 -15.67 -8.20 -25.66
CA GLY D 61 -16.94 -8.60 -25.12
C GLY D 61 -17.62 -7.54 -24.29
N ASN D 62 -18.05 -7.94 -23.11
CA ASN D 62 -18.62 -7.01 -22.13
C ASN D 62 -17.71 -6.74 -20.95
N ALA D 63 -16.41 -6.71 -21.20
CA ALA D 63 -15.43 -6.32 -20.18
C ALA D 63 -15.67 -4.85 -19.80
N ASP D 64 -15.33 -4.50 -18.57
CA ASP D 64 -15.56 -3.14 -18.08
C ASP D 64 -14.40 -2.21 -18.43
N ALA D 65 -13.22 -2.79 -18.60
CA ALA D 65 -12.04 -2.03 -18.99
C ALA D 65 -11.05 -2.97 -19.69
N VAL D 66 -10.18 -2.39 -20.50
CA VAL D 66 -9.12 -3.15 -21.12
C VAL D 66 -7.79 -2.62 -20.63
N LEU D 67 -6.91 -3.49 -20.12
CA LEU D 67 -5.59 -3.00 -19.79
C LEU D 67 -4.58 -3.52 -20.81
N VAL D 68 -3.77 -2.62 -21.32
CA VAL D 68 -2.71 -2.97 -22.25
C VAL D 68 -1.36 -2.94 -21.55
N ASP D 69 -0.71 -4.08 -21.55
CA ASP D 69 0.62 -4.23 -20.97
C ASP D 69 1.65 -3.54 -21.86
N ALA D 70 2.09 -2.37 -21.43
CA ALA D 70 3.07 -1.58 -22.18
C ALA D 70 4.34 -1.38 -21.37
N ARG D 71 4.71 -2.38 -20.58
CA ARG D 71 5.92 -2.35 -19.76
C ARG D 71 7.21 -2.38 -20.56
N ASN D 72 7.23 -3.16 -21.64
CA ASN D 72 8.47 -3.40 -22.36
C ASN D 72 8.42 -2.93 -23.79
N ASP D 73 7.31 -3.19 -24.48
CA ASP D 73 7.17 -2.72 -25.84
C ASP D 73 6.19 -1.55 -25.92
N LEU D 74 6.74 -0.34 -25.86
CA LEU D 74 5.95 0.89 -25.82
C LEU D 74 5.24 1.24 -27.12
N SER D 75 5.87 0.92 -28.25
CA SER D 75 5.26 1.15 -29.57
C SER D 75 4.03 0.28 -29.81
N SER D 76 4.15 -1.02 -29.55
CA SER D 76 3.02 -1.93 -29.73
C SER D 76 1.93 -1.60 -28.73
N GLY D 77 2.33 -1.23 -27.53
CA GLY D 77 1.39 -0.84 -26.50
C GLY D 77 0.58 0.34 -26.98
N ARG D 78 1.26 1.38 -27.47
CA ARG D 78 0.57 2.56 -27.93
C ARG D 78 -0.33 2.21 -29.10
N GLY D 79 0.17 1.39 -30.01
CA GLY D 79 -0.61 0.97 -31.16
C GLY D 79 -1.92 0.32 -30.77
N LEU D 80 -1.85 -0.61 -29.82
CA LEU D 80 -3.03 -1.30 -29.31
C LEU D 80 -4.01 -0.35 -28.64
N CYS D 81 -3.49 0.59 -27.87
CA CYS D 81 -4.33 1.56 -27.19
C CYS D 81 -5.07 2.42 -28.21
N ARG D 82 -4.38 2.81 -29.27
CA ARG D 82 -4.99 3.64 -30.30
C ARG D 82 -6.14 2.91 -30.97
N LEU D 83 -5.95 1.62 -31.25
CA LEU D 83 -7.00 0.78 -31.82
C LEU D 83 -8.16 0.57 -30.86
N LEU D 84 -7.85 0.43 -29.56
CA LEU D 84 -8.90 0.19 -28.58
C LEU D 84 -9.78 1.43 -28.36
N SER D 85 -9.27 2.60 -28.65
CA SER D 85 -10.05 3.78 -28.46
C SER D 85 -10.65 4.29 -29.74
N SER D 86 -10.51 3.51 -30.80
CA SER D 86 -11.03 3.86 -32.11
C SER D 86 -12.50 3.64 -32.36
N THR D 87 -13.08 4.51 -33.16
CA THR D 87 -14.46 4.41 -33.61
C THR D 87 -15.49 4.19 -32.56
N GLY D 88 -16.36 3.24 -32.82
CA GLY D 88 -17.41 2.97 -31.87
C GLY D 88 -16.98 2.03 -30.81
N ARG D 89 -15.98 2.45 -30.06
CA ARG D 89 -15.48 1.65 -28.99
C ARG D 89 -15.62 2.50 -27.78
N SER D 90 -16.30 1.99 -26.78
CA SER D 90 -16.52 2.77 -25.58
C SER D 90 -15.94 2.25 -24.30
N ILE D 91 -15.27 1.11 -24.32
CA ILE D 91 -14.68 0.57 -23.12
C ILE D 91 -13.45 1.37 -22.79
N PRO D 92 -13.25 1.69 -21.52
CA PRO D 92 -12.10 2.46 -21.07
C PRO D 92 -10.83 1.75 -21.31
N VAL D 93 -9.84 2.49 -21.76
CA VAL D 93 -8.56 1.89 -22.11
C VAL D 93 -7.50 2.28 -21.09
N LEU D 94 -6.82 1.28 -20.54
CA LEU D 94 -5.74 1.54 -19.59
C LEU D 94 -4.42 1.02 -20.14
N ALA D 95 -3.33 1.71 -19.82
CA ALA D 95 -2.01 1.20 -20.12
C ALA D 95 -1.23 0.96 -18.84
N VAL D 96 -0.53 -0.16 -18.78
CA VAL D 96 0.34 -0.41 -17.67
C VAL D 96 1.77 -0.22 -18.16
N VAL D 97 2.46 0.74 -17.54
CA VAL D 97 3.80 1.11 -17.96
C VAL D 97 4.79 1.05 -16.81
N SER D 98 6.08 1.06 -17.16
CA SER D 98 7.15 1.22 -16.17
C SER D 98 7.46 2.71 -16.09
N GLU D 99 8.31 3.11 -15.16
CA GLU D 99 8.38 4.52 -14.76
C GLU D 99 9.08 5.63 -15.60
N GLY D 100 9.94 5.52 -16.58
CA GLY D 100 10.02 4.33 -17.39
C GLY D 100 9.62 4.90 -18.74
N GLY D 101 8.43 4.47 -19.12
CA GLY D 101 7.93 5.02 -20.37
C GLY D 101 6.81 5.99 -20.11
N LEU D 102 6.76 6.52 -18.89
CA LEU D 102 5.87 7.63 -18.61
C LEU D 102 6.11 8.78 -19.58
N VAL D 103 7.37 9.05 -19.92
CA VAL D 103 7.68 10.11 -20.88
C VAL D 103 7.09 9.85 -22.25
N ALA D 104 6.91 8.58 -22.61
CA ALA D 104 6.42 8.20 -23.94
C ALA D 104 4.91 8.29 -24.06
N VAL D 105 4.24 8.25 -22.91
CA VAL D 105 2.79 8.25 -22.89
C VAL D 105 2.29 9.65 -23.15
N SER D 106 1.31 9.80 -24.04
CA SER D 106 0.75 11.12 -24.34
C SER D 106 -0.68 11.03 -24.84
N ALA D 107 -1.24 12.18 -25.23
CA ALA D 107 -2.64 12.22 -25.64
C ALA D 107 -2.93 11.32 -26.86
N ASP D 108 -1.96 11.18 -27.74
CA ASP D 108 -2.16 10.44 -28.98
C ASP D 108 -2.33 8.93 -28.77
N TRP D 109 -2.18 8.47 -27.54
CA TRP D 109 -2.41 7.06 -27.21
C TRP D 109 -3.91 6.72 -27.09
N GLY D 110 -4.72 7.72 -26.73
CA GLY D 110 -6.14 7.54 -26.51
C GLY D 110 -6.46 6.88 -25.18
N LEU D 111 -5.61 7.11 -24.19
CA LEU D 111 -5.79 6.47 -22.88
C LEU D 111 -6.85 7.17 -22.07
N ASP D 112 -7.47 6.41 -21.20
CA ASP D 112 -8.41 6.95 -20.22
C ASP D 112 -7.75 6.93 -18.87
N GLU D 113 -6.76 6.06 -18.73
CA GLU D 113 -5.98 5.97 -17.51
C GLU D 113 -4.63 5.33 -17.78
N ILE D 114 -3.73 5.58 -16.86
CA ILE D 114 -2.37 5.08 -16.89
C ILE D 114 -2.13 4.37 -15.56
N LEU D 115 -1.45 3.23 -15.57
CA LEU D 115 -1.09 2.56 -14.33
C LEU D 115 0.37 2.16 -14.38
N LEU D 116 1.07 2.28 -13.25
CA LEU D 116 2.44 1.82 -13.15
C LEU D 116 2.39 0.38 -12.67
N LEU D 117 3.37 -0.44 -13.03
CA LEU D 117 3.32 -1.83 -12.59
C LEU D 117 3.44 -1.95 -11.07
N SER D 118 3.92 -0.90 -10.43
CA SER D 118 4.11 -0.93 -8.98
C SER D 118 3.00 -0.24 -8.20
N THR D 119 1.93 0.19 -8.88
CA THR D 119 0.85 0.85 -8.16
C THR D 119 0.12 -0.13 -7.24
N GLY D 120 -0.14 0.31 -6.01
CA GLY D 120 -0.77 -0.53 -5.00
C GLY D 120 -2.25 -0.77 -5.22
N PRO D 121 -2.85 -1.68 -4.41
CA PRO D 121 -4.21 -2.13 -4.69
C PRO D 121 -5.23 -1.03 -4.53
N ALA D 122 -5.12 -0.27 -3.45
CA ALA D 122 -6.08 0.79 -3.18
C ALA D 122 -6.09 1.82 -4.30
N GLU D 123 -4.89 2.15 -4.82
CA GLU D 123 -4.79 3.10 -5.91
C GLU D 123 -5.43 2.54 -7.19
N ILE D 124 -5.16 1.27 -7.50
CA ILE D 124 -5.76 0.65 -8.67
C ILE D 124 -7.28 0.68 -8.60
N ASP D 125 -7.84 0.21 -7.49
CA ASP D 125 -9.27 0.18 -7.30
C ASP D 125 -9.87 1.61 -7.34
N ALA D 126 -9.10 2.59 -6.87
CA ALA D 126 -9.56 3.98 -6.89
C ALA D 126 -9.61 4.52 -8.31
N ARG D 127 -8.58 4.23 -9.08
CA ARG D 127 -8.53 4.74 -10.44
C ARG D 127 -9.54 4.04 -11.33
N LEU D 128 -9.81 2.76 -11.04
CA LEU D 128 -10.80 1.99 -11.79
C LEU D 128 -12.20 2.56 -11.55
N ARG D 129 -12.49 2.91 -10.30
CA ARG D 129 -13.77 3.52 -9.96
C ARG D 129 -13.91 4.84 -10.71
N LEU D 130 -12.85 5.59 -10.79
CA LEU D 130 -12.92 6.88 -11.43
C LEU D 130 -13.10 6.79 -12.89
N VAL D 131 -12.47 5.83 -13.48
CA VAL D 131 -12.56 5.62 -14.88
C VAL D 131 -13.93 5.18 -15.37
N VAL D 132 -14.60 4.32 -14.65
CA VAL D 132 -15.94 3.91 -15.02
C VAL D 132 -16.97 4.97 -14.74
N GLY D 133 -16.62 5.88 -13.87
CA GLY D 133 -17.48 6.94 -13.43
C GLY D 133 -17.69 7.85 -14.58
N ARG D 134 -16.92 7.59 -15.62
CA ARG D 134 -17.01 8.32 -16.85
C ARG D 134 -17.51 7.33 -17.94
N MET E 21 43.73 5.32 -16.39
CA MET E 21 42.57 5.02 -15.53
C MET E 21 42.20 6.21 -14.63
N LEU E 22 40.89 6.41 -14.43
CA LEU E 22 40.38 7.56 -13.67
C LEU E 22 40.26 7.24 -12.18
N GLU E 23 40.39 8.27 -11.33
CA GLU E 23 40.06 8.16 -9.90
C GLU E 23 38.69 8.82 -9.72
N LEU E 24 37.73 8.06 -9.19
CA LEU E 24 36.35 8.55 -9.08
C LEU E 24 35.86 8.66 -7.66
N LEU E 25 35.17 9.77 -7.37
CA LEU E 25 34.51 9.99 -6.10
C LEU E 25 33.03 9.67 -6.28
N LEU E 26 32.50 8.80 -5.42
CA LEU E 26 31.08 8.48 -5.46
C LEU E 26 30.43 8.94 -4.16
N LEU E 27 29.48 9.87 -4.28
CA LEU E 27 28.73 10.35 -3.11
C LEU E 27 27.48 9.50 -3.00
N THR E 28 27.30 8.72 -1.93
CA THR E 28 26.23 7.71 -2.01
C THR E 28 25.43 7.56 -0.74
N SER E 29 26.05 7.13 0.35
CA SER E 29 25.38 6.55 1.54
C SER E 29 25.08 5.06 1.41
N GLU E 30 25.38 4.49 0.23
CA GLU E 30 25.38 3.05 0.06
C GLU E 30 26.74 2.63 0.61
N LEU E 31 26.90 1.37 1.00
CA LEU E 31 28.16 0.94 1.59
C LEU E 31 29.23 0.64 0.55
N TYR E 32 28.79 0.21 -0.63
CA TYR E 32 29.67 -0.13 -1.73
C TYR E 32 29.20 0.58 -2.99
N PRO E 33 30.09 0.76 -3.98
CA PRO E 33 29.70 1.47 -5.20
C PRO E 33 28.76 0.67 -6.10
N ASP E 34 28.73 -0.65 -5.92
CA ASP E 34 28.06 -1.55 -6.87
C ASP E 34 26.55 -1.35 -7.06
N PRO E 35 25.78 -1.17 -5.96
CA PRO E 35 24.35 -0.93 -6.19
C PRO E 35 24.08 0.31 -7.06
N VAL E 36 24.99 1.29 -7.03
CA VAL E 36 24.78 2.57 -7.68
C VAL E 36 24.99 2.49 -9.20
N LEU E 37 26.13 1.95 -9.60
CA LEU E 37 26.45 1.67 -10.99
C LEU E 37 27.11 0.30 -11.05
N PRO E 38 26.30 -0.76 -11.22
CA PRO E 38 26.85 -2.12 -11.20
C PRO E 38 27.94 -2.38 -12.24
N ALA E 39 27.85 -1.73 -13.40
CA ALA E 39 28.82 -1.96 -14.48
C ALA E 39 30.20 -1.32 -14.24
N LEU E 40 30.28 -0.38 -13.30
CA LEU E 40 31.52 0.37 -13.07
C LEU E 40 32.68 -0.53 -12.67
N SER E 41 32.40 -1.62 -11.95
CA SER E 41 33.46 -2.52 -11.50
C SER E 41 34.16 -3.20 -12.68
N LEU E 42 33.45 -3.35 -13.79
CA LEU E 42 33.99 -4.00 -14.98
C LEU E 42 35.06 -3.17 -15.66
N LEU E 43 35.23 -1.93 -15.19
CA LEU E 43 36.20 -1.00 -15.75
C LEU E 43 37.39 -0.84 -14.80
N PRO E 44 38.55 -0.40 -15.33
CA PRO E 44 39.75 -0.34 -14.48
C PRO E 44 39.80 0.81 -13.50
N HIS E 45 38.85 1.75 -13.57
CA HIS E 45 38.88 2.92 -12.70
C HIS E 45 38.74 2.54 -11.23
N THR E 46 39.33 3.34 -10.34
CA THR E 46 39.14 3.12 -8.91
C THR E 46 38.06 4.08 -8.39
N VAL E 47 37.26 3.58 -7.45
CA VAL E 47 36.14 4.33 -6.92
C VAL E 47 36.25 4.49 -5.40
N ARG E 48 36.31 5.73 -4.94
CA ARG E 48 36.25 6.05 -3.51
C ARG E 48 34.83 6.50 -3.20
N THR E 49 34.28 6.03 -2.09
CA THR E 49 32.95 6.49 -1.70
C THR E 49 33.00 7.49 -0.54
N ALA E 50 32.01 8.39 -0.51
CA ALA E 50 31.87 9.33 0.58
C ALA E 50 30.39 9.59 0.77
N PRO E 51 29.99 10.02 1.97
CA PRO E 51 28.57 10.26 2.23
C PRO E 51 27.97 11.30 1.29
N ALA E 52 26.67 11.15 1.02
CA ALA E 52 25.98 12.10 0.17
C ALA E 52 25.58 13.32 1.01
N GLU E 53 26.59 14.03 1.49
CA GLU E 53 26.40 15.21 2.31
C GLU E 53 27.30 16.32 1.82
N ALA E 54 26.95 17.56 2.14
CA ALA E 54 27.71 18.70 1.65
C ALA E 54 29.16 18.66 2.08
N SER E 55 29.41 18.09 3.26
CA SER E 55 30.78 18.07 3.78
C SER E 55 31.71 17.19 2.94
N SER E 56 31.13 16.26 2.17
CA SER E 56 31.95 15.42 1.31
C SER E 56 32.64 16.23 0.21
N LEU E 57 32.11 17.42 -0.07
CA LEU E 57 32.73 18.37 -0.99
C LEU E 57 34.20 18.58 -0.64
N LEU E 58 34.49 18.56 0.66
CA LEU E 58 35.82 18.82 1.16
C LEU E 58 36.81 17.69 0.84
N GLU E 59 36.29 16.55 0.40
CA GLU E 59 37.14 15.38 0.18
C GLU E 59 37.22 15.03 -1.29
N ALA E 60 36.96 15.99 -2.16
CA ALA E 60 36.99 15.74 -3.59
C ALA E 60 38.41 15.44 -3.99
N GLY E 61 39.33 16.16 -3.38
CA GLY E 61 40.74 15.90 -3.53
C GLY E 61 41.23 15.95 -4.95
N ASN E 62 41.88 14.87 -5.35
CA ASN E 62 42.40 14.74 -6.70
C ASN E 62 41.61 13.79 -7.57
N ALA E 63 40.33 13.63 -7.27
CA ALA E 63 39.45 12.82 -8.10
C ALA E 63 39.37 13.41 -9.51
N ASP E 64 39.15 12.55 -10.51
CA ASP E 64 39.02 13.01 -11.87
C ASP E 64 37.58 13.41 -12.15
N ALA E 65 36.66 12.81 -11.39
CA ALA E 65 35.24 13.08 -11.52
C ALA E 65 34.52 12.77 -10.22
N VAL E 66 33.39 13.42 -9.99
CA VAL E 66 32.54 13.10 -8.86
C VAL E 66 31.21 12.62 -9.41
N LEU E 67 30.75 11.47 -8.91
CA LEU E 67 29.43 10.97 -9.26
C LEU E 67 28.53 11.11 -8.04
N VAL E 68 27.36 11.67 -8.26
CA VAL E 68 26.38 11.80 -7.19
C VAL E 68 25.27 10.78 -7.39
N ASP E 69 25.07 9.97 -6.36
CA ASP E 69 24.01 8.98 -6.37
C ASP E 69 22.66 9.67 -6.16
N ALA E 70 21.88 9.75 -7.22
CA ALA E 70 20.56 10.36 -7.15
C ALA E 70 19.48 9.37 -7.60
N ARG E 71 19.67 8.09 -7.26
CA ARG E 71 18.68 7.06 -7.57
C ARG E 71 17.42 7.27 -6.75
N ASN E 72 17.57 7.70 -5.50
CA ASN E 72 16.45 7.74 -4.56
C ASN E 72 16.03 9.10 -4.05
N ASP E 73 17.00 9.96 -3.75
CA ASP E 73 16.68 11.32 -3.33
C ASP E 73 17.12 12.32 -4.40
N LEU E 74 16.20 12.68 -5.27
CA LEU E 74 16.50 13.54 -6.41
C LEU E 74 16.75 14.98 -5.94
N SER E 75 15.96 15.42 -4.97
CA SER E 75 16.07 16.78 -4.45
C SER E 75 17.43 16.97 -3.79
N SER E 76 17.84 16.02 -2.95
CA SER E 76 19.13 16.07 -2.29
C SER E 76 20.28 15.94 -3.28
N GLY E 77 20.09 15.09 -4.28
CA GLY E 77 21.07 14.87 -5.31
C GLY E 77 21.33 16.14 -6.08
N ARG E 78 20.24 16.78 -6.51
CA ARG E 78 20.35 17.99 -7.32
C ARG E 78 21.12 19.04 -6.55
N GLY E 79 20.77 19.22 -5.28
CA GLY E 79 21.48 20.13 -4.40
C GLY E 79 22.97 19.87 -4.30
N LEU E 80 23.35 18.60 -4.17
CA LEU E 80 24.77 18.23 -4.16
C LEU E 80 25.46 18.59 -5.46
N CYS E 81 24.81 18.26 -6.58
CA CYS E 81 25.38 18.57 -7.89
C CYS E 81 25.59 20.06 -8.06
N ARG E 82 24.63 20.86 -7.60
CA ARG E 82 24.72 22.30 -7.73
C ARG E 82 25.92 22.85 -6.95
N LEU E 83 26.16 22.31 -5.76
CA LEU E 83 27.31 22.75 -4.98
C LEU E 83 28.60 22.32 -5.66
N LEU E 84 28.57 21.13 -6.24
CA LEU E 84 29.76 20.57 -6.86
C LEU E 84 30.21 21.38 -8.07
N SER E 85 29.28 21.92 -8.81
CA SER E 85 29.62 22.69 -9.95
C SER E 85 29.80 24.13 -9.61
N SER E 86 29.60 24.46 -8.36
CA SER E 86 29.72 25.83 -7.94
C SER E 86 31.10 26.40 -7.92
N THR E 87 31.19 27.69 -8.24
CA THR E 87 32.37 28.46 -8.02
C THR E 87 33.74 28.04 -8.58
N GLY E 88 34.64 27.78 -7.66
CA GLY E 88 36.01 27.45 -7.96
C GLY E 88 36.23 25.98 -8.05
N ARG E 89 35.14 25.25 -8.24
CA ARG E 89 35.21 23.82 -8.38
C ARG E 89 35.21 23.54 -9.84
N SER E 90 36.22 22.85 -10.32
CA SER E 90 36.30 22.54 -11.72
C SER E 90 36.40 21.07 -12.04
N ILE E 91 35.95 20.22 -11.14
CA ILE E 91 35.99 18.79 -11.35
C ILE E 91 34.64 18.40 -11.87
N PRO E 92 34.63 17.66 -12.96
CA PRO E 92 33.40 17.26 -13.65
C PRO E 92 32.43 16.57 -12.70
N VAL E 93 31.14 16.92 -12.84
CA VAL E 93 30.11 16.44 -11.95
C VAL E 93 29.13 15.57 -12.70
N LEU E 94 28.95 14.34 -12.25
CA LEU E 94 28.00 13.42 -12.87
C LEU E 94 26.90 13.04 -11.88
N ALA E 95 25.69 12.85 -12.39
CA ALA E 95 24.63 12.31 -11.55
C ALA E 95 24.24 10.92 -12.06
N VAL E 96 24.02 10.01 -11.13
CA VAL E 96 23.48 8.71 -11.46
C VAL E 96 22.02 8.68 -11.04
N VAL E 97 21.14 8.54 -12.01
CA VAL E 97 19.71 8.48 -11.71
C VAL E 97 19.11 7.19 -12.24
N SER E 98 17.89 6.91 -11.78
CA SER E 98 17.12 5.82 -12.31
C SER E 98 16.30 6.36 -13.49
N GLU E 99 15.73 5.47 -14.29
CA GLU E 99 15.09 5.90 -15.53
C GLU E 99 13.93 6.86 -15.28
N GLY E 100 13.31 6.74 -14.11
CA GLY E 100 12.17 7.58 -13.74
C GLY E 100 12.56 8.97 -13.28
N GLY E 101 13.80 9.15 -12.83
CA GLY E 101 14.26 10.46 -12.37
C GLY E 101 14.76 11.35 -13.49
N LEU E 102 15.03 10.76 -14.63
CA LEU E 102 15.43 11.52 -15.83
C LEU E 102 14.59 12.77 -16.09
N VAL E 103 13.28 12.67 -15.87
CA VAL E 103 12.36 13.77 -16.10
C VAL E 103 12.69 14.96 -15.22
N ALA E 104 13.23 14.69 -14.04
CA ALA E 104 13.60 15.75 -13.09
C ALA E 104 14.96 16.39 -13.39
N VAL E 105 15.77 15.75 -14.22
CA VAL E 105 17.12 16.23 -14.48
C VAL E 105 17.05 17.40 -15.44
N SER E 106 17.72 18.50 -15.10
CA SER E 106 17.69 19.70 -15.94
C SER E 106 18.97 20.54 -15.81
N ALA E 107 19.00 21.67 -16.52
CA ALA E 107 20.19 22.52 -16.57
C ALA E 107 20.54 23.09 -15.20
N ASP E 108 19.53 23.36 -14.38
CA ASP E 108 19.76 23.99 -13.08
C ASP E 108 20.48 23.07 -12.10
N TRP E 109 20.68 21.81 -12.48
CA TRP E 109 21.48 20.87 -11.68
C TRP E 109 22.97 21.13 -11.81
N GLY E 110 23.38 21.75 -12.92
CA GLY E 110 24.78 22.05 -13.17
C GLY E 110 25.61 20.81 -13.49
N LEU E 111 25.01 19.85 -14.19
CA LEU E 111 25.70 18.61 -14.49
C LEU E 111 26.61 18.70 -15.70
N ASP E 112 27.63 17.86 -15.73
CA ASP E 112 28.48 17.76 -16.91
C ASP E 112 28.11 16.52 -17.71
N GLU E 113 27.56 15.53 -17.02
CA GLU E 113 27.03 14.32 -17.66
C GLU E 113 26.04 13.64 -16.72
N ILE E 114 25.12 12.87 -17.29
CA ILE E 114 24.14 12.12 -16.51
C ILE E 114 24.34 10.64 -16.79
N LEU E 115 24.10 9.80 -15.79
CA LEU E 115 24.22 8.37 -16.00
C LEU E 115 22.99 7.67 -15.47
N LEU E 116 22.53 6.68 -16.21
CA LEU E 116 21.48 5.82 -15.71
C LEU E 116 22.18 4.75 -14.91
N LEU E 117 21.50 4.22 -13.90
CA LEU E 117 22.13 3.20 -13.08
C LEU E 117 22.38 1.92 -13.88
N SER E 118 21.62 1.73 -14.95
CA SER E 118 21.68 0.50 -15.73
C SER E 118 22.60 0.60 -16.94
N THR E 119 23.30 1.73 -17.04
CA THR E 119 24.22 1.98 -18.15
C THR E 119 25.31 0.92 -18.20
N GLY E 120 25.60 0.42 -19.40
CA GLY E 120 26.63 -0.60 -19.57
C GLY E 120 28.03 -0.04 -19.50
N PRO E 121 29.03 -0.94 -19.47
CA PRO E 121 30.42 -0.52 -19.26
C PRO E 121 30.96 0.35 -20.40
N ALA E 122 30.68 -0.05 -21.64
CA ALA E 122 31.21 0.71 -22.77
C ALA E 122 30.69 2.14 -22.76
N GLU E 123 29.41 2.31 -22.40
CA GLU E 123 28.80 3.62 -22.38
C GLU E 123 29.35 4.43 -21.21
N ILE E 124 29.57 3.79 -20.07
CA ILE E 124 30.19 4.47 -18.94
C ILE E 124 31.60 4.93 -19.31
N ASP E 125 32.38 4.03 -19.91
CA ASP E 125 33.74 4.38 -20.33
C ASP E 125 33.73 5.58 -21.26
N ALA E 126 32.85 5.54 -22.26
CA ALA E 126 32.78 6.59 -23.27
C ALA E 126 32.34 7.93 -22.68
N ARG E 127 31.32 7.92 -21.81
CA ARG E 127 30.84 9.17 -21.26
C ARG E 127 31.88 9.74 -20.29
N LEU E 128 32.61 8.86 -19.60
CA LEU E 128 33.66 9.29 -18.70
C LEU E 128 34.83 9.89 -19.48
N ARG E 129 35.19 9.27 -20.61
CA ARG E 129 36.28 9.82 -21.42
C ARG E 129 35.93 11.21 -21.97
N LEU E 130 34.70 11.38 -22.43
CA LEU E 130 34.25 12.64 -22.99
C LEU E 130 34.11 13.75 -21.96
N VAL E 131 33.82 13.38 -20.71
CA VAL E 131 33.54 14.38 -19.70
C VAL E 131 34.83 14.92 -19.12
N VAL E 132 35.90 14.12 -19.21
CA VAL E 132 37.24 14.53 -18.80
C VAL E 132 38.01 14.97 -20.05
N GLY E 133 38.04 16.27 -20.30
CA GLY E 133 38.74 16.78 -21.48
C GLY E 133 39.66 17.96 -21.21
#